data_5J3Z
#
_entry.id   5J3Z
#
_cell.length_a   61.010
_cell.length_b   42.800
_cell.length_c   108.760
_cell.angle_alpha   90.00
_cell.angle_beta   94.15
_cell.angle_gamma   90.00
#
_symmetry.space_group_name_H-M   'P 1 21 1'
#
loop_
_entity.id
_entity.type
_entity.pdbx_description
1 polymer 'Tyrosyl-DNA phosphodiesterase 2'
2 non-polymer 2,4-dioxo-10-[3-(1H-tetrazol-5-yl)phenyl]-2,3,4,10-tetrahydropyrimido[4,5-b]quinoline-8-carbonitrile
3 non-polymer 'MAGNESIUM ION'
4 non-polymer GLYCEROL
5 non-polymer 1,2-ETHANEDIOL
6 non-polymer 'ACETATE ION'
7 water water
#
_entity_poly.entity_id   1
_entity_poly.type   'polypeptide(L)'
_entity_poly.pdbx_seq_one_letter_code
;SNALEDSSTISFITWNIDGLDGCNLPERARGVCSCLALYSPDVVFLQEVIPPYCAYLKKRAASYTIITGNEEGYFTAILL
KKGRVKFKSQEIIPFPNTKMMRNLLCVNVSLGGNEFCLMTSHLESTRGHSAERIRQLKTVLGKMQEAPDSTTVIFAGDTN
LRDREVIKCGGLPDNVFDAWEFLGKPKHCQYTWDTKANNNLRIPAACKLRFDRIFFRAEEGHLIPQSLDLVGLEKLDCGR
FPSDHWGLLCTLNVVL
;
_entity_poly.pdbx_strand_id   A,B
#
loop_
_chem_comp.id
_chem_comp.type
_chem_comp.name
_chem_comp.formula
6FQ non-polymer 2,4-dioxo-10-[3-(1H-tetrazol-5-yl)phenyl]-2,3,4,10-tetrahydropyrimido[4,5-b]quinoline-8-carbonitrile 'C19 H10 N8 O2'
ACT non-polymer 'ACETATE ION' 'C2 H3 O2 -1'
EDO non-polymer 1,2-ETHANEDIOL 'C2 H6 O2'
GOL non-polymer GLYCEROL 'C3 H8 O3'
MG non-polymer 'MAGNESIUM ION' 'Mg 2'
#
# COMPACT_ATOMS: atom_id res chain seq x y z
N SER A 8 18.37 -25.83 -29.25
CA SER A 8 16.99 -25.41 -29.06
C SER A 8 16.78 -24.83 -27.66
N THR A 9 16.24 -23.59 -27.56
CA THR A 9 16.04 -22.91 -26.29
C THR A 9 14.87 -21.89 -26.33
N ILE A 10 14.37 -21.50 -25.15
CA ILE A 10 13.34 -20.48 -24.95
C ILE A 10 13.67 -19.70 -23.67
N SER A 11 13.67 -18.37 -23.74
CA SER A 11 13.89 -17.50 -22.60
C SER A 11 12.66 -16.62 -22.45
N PHE A 12 12.21 -16.42 -21.21
CA PHE A 12 11.02 -15.63 -21.01
C PHE A 12 11.01 -14.98 -19.65
N ILE A 13 10.21 -13.92 -19.51
CA ILE A 13 9.97 -13.23 -18.25
C ILE A 13 8.48 -13.32 -17.96
N THR A 14 8.12 -13.59 -16.70
CA THR A 14 6.73 -13.50 -16.24
C THR A 14 6.72 -12.39 -15.19
N TRP A 15 5.72 -11.48 -15.25
CA TRP A 15 5.71 -10.34 -14.34
C TRP A 15 4.34 -9.72 -14.17
N ASN A 16 3.90 -9.63 -12.91
CA ASN A 16 2.72 -8.87 -12.52
C ASN A 16 3.30 -7.47 -12.36
N ILE A 17 3.01 -6.57 -13.31
CA ILE A 17 3.61 -5.23 -13.34
CA ILE A 17 3.59 -5.21 -13.37
C ILE A 17 2.79 -4.15 -12.57
N ASP A 18 1.78 -4.58 -11.78
CA ASP A 18 0.97 -3.69 -10.93
C ASP A 18 0.45 -2.43 -11.68
N GLY A 19 -0.23 -2.65 -12.80
CA GLY A 19 -0.76 -1.55 -13.61
C GLY A 19 -1.80 -0.67 -12.95
N LEU A 20 -2.52 -1.18 -11.94
CA LEU A 20 -3.54 -0.39 -11.23
C LEU A 20 -2.90 0.67 -10.32
N ASP A 21 -1.58 0.56 -10.05
CA ASP A 21 -0.84 1.56 -9.29
C ASP A 21 -0.57 2.75 -10.19
N GLY A 22 -1.34 3.82 -10.01
CA GLY A 22 -1.21 5.04 -10.79
C GLY A 22 -0.02 5.90 -10.41
N CYS A 23 0.69 5.53 -9.32
CA CYS A 23 1.85 6.26 -8.81
CA CYS A 23 1.84 6.31 -8.87
C CYS A 23 3.11 5.86 -9.58
N ASN A 24 3.79 6.84 -10.20
CA ASN A 24 5.03 6.70 -10.98
C ASN A 24 4.89 5.67 -12.10
N LEU A 25 3.67 5.50 -12.66
CA LEU A 25 3.41 4.51 -13.71
C LEU A 25 4.32 4.70 -14.94
N PRO A 26 4.48 5.92 -15.55
CA PRO A 26 5.38 6.03 -16.71
C PRO A 26 6.83 5.62 -16.39
N GLU A 27 7.37 6.04 -15.21
CA GLU A 27 8.72 5.69 -14.78
C GLU A 27 8.84 4.17 -14.57
N ARG A 28 7.83 3.55 -13.94
CA ARG A 28 7.83 2.11 -13.67
C ARG A 28 7.72 1.32 -14.98
N ALA A 29 6.91 1.80 -15.94
CA ALA A 29 6.78 1.21 -17.27
C ALA A 29 8.13 1.29 -18.02
N ARG A 30 8.83 2.44 -17.91
CA ARG A 30 10.17 2.65 -18.45
C ARG A 30 11.13 1.62 -17.84
N GLY A 31 11.02 1.41 -16.53
CA GLY A 31 11.81 0.44 -15.79
C GLY A 31 11.63 -0.97 -16.30
N VAL A 32 10.36 -1.36 -16.54
CA VAL A 32 10.03 -2.69 -17.08
C VAL A 32 10.57 -2.80 -18.51
N CYS A 33 10.42 -1.76 -19.35
CA CYS A 33 10.90 -1.80 -20.73
C CYS A 33 12.43 -1.88 -20.77
N SER A 34 13.11 -1.28 -19.77
CA SER A 34 14.58 -1.33 -19.65
CA SER A 34 14.57 -1.35 -19.67
C SER A 34 15.01 -2.78 -19.40
N CYS A 35 14.24 -3.50 -18.55
CA CYS A 35 14.48 -4.92 -18.23
CA CYS A 35 14.46 -4.91 -18.21
C CYS A 35 14.31 -5.77 -19.50
N LEU A 36 13.23 -5.53 -20.27
CA LEU A 36 12.97 -6.24 -21.52
C LEU A 36 14.11 -6.03 -22.52
N ALA A 37 14.62 -4.79 -22.63
CA ALA A 37 15.73 -4.47 -23.54
C ALA A 37 17.03 -5.13 -23.08
N LEU A 38 17.29 -5.16 -21.75
CA LEU A 38 18.50 -5.73 -21.18
C LEU A 38 18.51 -7.26 -21.30
N TYR A 39 17.45 -7.94 -20.85
CA TYR A 39 17.43 -9.40 -20.85
C TYR A 39 17.03 -9.96 -22.22
N SER A 40 16.35 -9.15 -23.04
CA SER A 40 15.91 -9.47 -24.41
C SER A 40 15.25 -10.87 -24.48
N PRO A 41 14.19 -11.15 -23.67
CA PRO A 41 13.57 -12.48 -23.69
C PRO A 41 12.81 -12.74 -24.99
N ASP A 42 12.62 -14.02 -25.33
CA ASP A 42 11.82 -14.38 -26.50
C ASP A 42 10.35 -14.01 -26.28
N VAL A 43 9.87 -14.23 -25.05
CA VAL A 43 8.46 -14.05 -24.67
C VAL A 43 8.36 -13.34 -23.31
N VAL A 44 7.31 -12.52 -23.15
CA VAL A 44 7.04 -11.84 -21.88
C VAL A 44 5.59 -12.11 -21.50
N PHE A 45 5.36 -12.69 -20.32
CA PHE A 45 4.01 -12.93 -19.79
C PHE A 45 3.74 -11.85 -18.79
N LEU A 46 2.69 -11.05 -19.00
CA LEU A 46 2.39 -9.95 -18.09
C LEU A 46 1.01 -10.06 -17.48
N GLN A 47 0.89 -9.61 -16.23
CA GLN A 47 -0.39 -9.59 -15.53
C GLN A 47 -0.62 -8.19 -14.96
N GLU A 48 -1.90 -7.84 -14.75
CA GLU A 48 -2.36 -6.54 -14.26
C GLU A 48 -1.92 -5.39 -15.20
N VAL A 49 -1.98 -5.64 -16.51
CA VAL A 49 -1.71 -4.62 -17.53
C VAL A 49 -2.97 -3.76 -17.58
N ILE A 50 -2.84 -2.46 -17.86
CA ILE A 50 -4.00 -1.56 -18.01
C ILE A 50 -3.83 -0.84 -19.38
N PRO A 51 -4.89 -0.22 -19.98
CA PRO A 51 -4.75 0.39 -21.32
C PRO A 51 -3.55 1.35 -21.48
N PRO A 52 -3.27 2.37 -20.62
CA PRO A 52 -2.08 3.22 -20.87
C PRO A 52 -0.76 2.46 -20.77
N TYR A 53 -0.74 1.31 -20.05
CA TYR A 53 0.47 0.49 -19.96
C TYR A 53 0.77 -0.15 -21.31
N CYS A 54 -0.28 -0.60 -22.04
N CYS A 54 -0.29 -0.58 -22.03
CA CYS A 54 -0.16 -1.17 -23.38
CA CYS A 54 -0.21 -1.18 -23.36
C CYS A 54 0.41 -0.13 -24.35
C CYS A 54 0.35 -0.15 -24.36
N ALA A 55 -0.11 1.11 -24.27
CA ALA A 55 0.35 2.23 -25.11
C ALA A 55 1.83 2.52 -24.87
N TYR A 56 2.27 2.37 -23.60
CA TYR A 56 3.67 2.54 -23.25
C TYR A 56 4.51 1.43 -23.86
N LEU A 57 4.05 0.16 -23.77
CA LEU A 57 4.75 -1.00 -24.32
C LEU A 57 4.83 -0.91 -25.85
N LYS A 58 3.79 -0.39 -26.51
CA LYS A 58 3.77 -0.23 -27.97
C LYS A 58 4.88 0.69 -28.46
N LYS A 59 5.28 1.69 -27.66
CA LYS A 59 6.31 2.64 -28.04
C LYS A 59 7.68 2.25 -27.51
N ARG A 60 7.76 1.76 -26.26
CA ARG A 60 9.03 1.50 -25.60
C ARG A 60 9.48 0.03 -25.62
N ALA A 61 8.65 -0.88 -26.17
CA ALA A 61 9.00 -2.29 -26.39
C ALA A 61 8.32 -2.75 -27.69
N ALA A 62 8.48 -1.91 -28.75
CA ALA A 62 7.87 -2.01 -30.07
C ALA A 62 8.24 -3.29 -30.85
N SER A 63 9.34 -3.96 -30.50
CA SER A 63 9.74 -5.19 -31.17
C SER A 63 9.04 -6.42 -30.58
N TYR A 64 8.10 -6.21 -29.63
CA TYR A 64 7.27 -7.26 -29.06
C TYR A 64 5.84 -7.11 -29.53
N THR A 65 5.27 -8.16 -30.13
CA THR A 65 3.86 -8.15 -30.51
C THR A 65 3.08 -8.38 -29.22
N ILE A 66 2.14 -7.48 -28.90
CA ILE A 66 1.31 -7.63 -27.70
C ILE A 66 0.08 -8.48 -28.01
N ILE A 67 -0.02 -9.66 -27.42
CA ILE A 67 -1.20 -10.50 -27.59
C ILE A 67 -2.05 -10.37 -26.35
N THR A 68 -3.32 -9.98 -26.54
CA THR A 68 -4.26 -9.92 -25.41
C THR A 68 -5.54 -10.65 -25.74
N GLY A 69 -6.24 -11.03 -24.67
CA GLY A 69 -7.59 -11.56 -24.69
C GLY A 69 -8.47 -10.39 -24.34
N ASN A 70 -9.42 -10.57 -23.41
CA ASN A 70 -10.29 -9.49 -22.93
C ASN A 70 -9.44 -8.41 -22.25
N GLU A 71 -9.85 -7.14 -22.39
CA GLU A 71 -9.14 -6.00 -21.83
C GLU A 71 -10.05 -5.17 -20.91
N GLU A 72 -10.84 -5.82 -20.07
CA GLU A 72 -11.76 -5.12 -19.17
C GLU A 72 -11.08 -4.80 -17.84
N GLY A 73 -10.85 -3.51 -17.60
CA GLY A 73 -10.20 -2.99 -16.39
C GLY A 73 -8.69 -3.23 -16.41
N TYR A 74 -8.26 -4.38 -15.91
CA TYR A 74 -6.86 -4.82 -15.89
C TYR A 74 -6.84 -6.22 -16.48
N PHE A 75 -5.72 -6.62 -17.09
CA PHE A 75 -5.71 -7.90 -17.81
C PHE A 75 -4.32 -8.44 -18.01
N THR A 76 -4.25 -9.65 -18.57
CA THR A 76 -2.97 -10.29 -18.91
C THR A 76 -2.63 -10.05 -20.38
N ALA A 77 -1.35 -10.21 -20.71
CA ALA A 77 -0.84 -10.09 -22.07
C ALA A 77 0.33 -11.02 -22.25
N ILE A 78 0.54 -11.49 -23.49
CA ILE A 78 1.70 -12.30 -23.85
C ILE A 78 2.40 -11.54 -24.98
N LEU A 79 3.65 -11.16 -24.75
CA LEU A 79 4.47 -10.42 -25.70
C LEU A 79 5.39 -11.38 -26.44
N LEU A 80 5.39 -11.31 -27.78
CA LEU A 80 6.20 -12.19 -28.65
C LEU A 80 7.26 -11.40 -29.39
N LYS A 81 8.56 -11.78 -29.24
CA LYS A 81 9.64 -11.06 -29.93
C LYS A 81 9.51 -11.22 -31.46
N LYS A 82 9.36 -10.09 -32.17
CA LYS A 82 9.22 -10.06 -33.63
C LYS A 82 10.48 -10.61 -34.30
N GLY A 83 10.30 -11.60 -35.17
CA GLY A 83 11.39 -12.24 -35.88
C GLY A 83 11.88 -13.52 -35.24
N ARG A 84 11.60 -13.68 -33.94
CA ARG A 84 11.96 -14.88 -33.19
C ARG A 84 10.77 -15.82 -33.07
N VAL A 85 9.64 -15.27 -32.63
CA VAL A 85 8.44 -16.02 -32.34
C VAL A 85 7.37 -15.82 -33.42
N LYS A 86 6.86 -16.93 -33.97
CA LYS A 86 5.79 -16.85 -34.96
C LYS A 86 4.45 -17.19 -34.31
N PHE A 87 3.50 -16.27 -34.39
CA PHE A 87 2.15 -16.47 -33.86
C PHE A 87 1.40 -17.46 -34.76
N LYS A 88 0.76 -18.46 -34.14
CA LYS A 88 -0.05 -19.43 -34.87
C LYS A 88 -1.52 -19.21 -34.55
N SER A 89 -1.88 -19.26 -33.26
CA SER A 89 -3.27 -19.08 -32.83
C SER A 89 -3.34 -18.71 -31.34
N GLN A 90 -4.51 -18.26 -30.92
CA GLN A 90 -4.77 -17.97 -29.53
C GLN A 90 -6.08 -18.60 -29.12
N GLU A 91 -6.17 -18.99 -27.85
CA GLU A 91 -7.34 -19.58 -27.25
C GLU A 91 -7.55 -18.92 -25.90
N ILE A 92 -8.81 -18.66 -25.54
CA ILE A 92 -9.16 -18.06 -24.26
C ILE A 92 -10.01 -19.09 -23.52
N ILE A 93 -9.52 -19.54 -22.35
CA ILE A 93 -10.24 -20.50 -21.52
C ILE A 93 -10.85 -19.73 -20.37
N PRO A 94 -12.20 -19.65 -20.31
CA PRO A 94 -12.82 -18.87 -19.23
C PRO A 94 -12.78 -19.60 -17.89
N PHE A 95 -12.84 -18.80 -16.81
CA PHE A 95 -13.01 -19.26 -15.43
C PHE A 95 -14.45 -18.88 -15.13
N PRO A 96 -15.44 -19.78 -15.36
CA PRO A 96 -16.85 -19.38 -15.23
C PRO A 96 -17.28 -18.80 -13.87
N ASN A 97 -16.57 -19.14 -12.78
CA ASN A 97 -16.96 -18.65 -11.45
C ASN A 97 -16.09 -17.50 -10.94
N THR A 98 -15.24 -16.91 -11.82
CA THR A 98 -14.41 -15.77 -11.43
C THR A 98 -15.28 -14.56 -11.05
N LYS A 99 -14.85 -13.82 -10.03
CA LYS A 99 -15.52 -12.61 -9.56
CA LYS A 99 -15.51 -12.62 -9.55
C LYS A 99 -14.63 -11.41 -9.87
N MET A 100 -13.44 -11.68 -10.48
CA MET A 100 -12.42 -10.68 -10.81
C MET A 100 -12.00 -10.70 -12.30
N MET A 101 -12.91 -11.18 -13.20
CA MET A 101 -12.73 -11.25 -14.65
CA MET A 101 -12.74 -11.26 -14.66
C MET A 101 -11.44 -12.00 -15.05
N ARG A 102 -11.09 -13.07 -14.31
CA ARG A 102 -9.88 -13.83 -14.59
C ARG A 102 -10.15 -14.94 -15.60
N ASN A 103 -9.12 -15.31 -16.38
CA ASN A 103 -9.23 -16.33 -17.43
C ASN A 103 -7.84 -16.89 -17.77
N LEU A 104 -7.80 -17.91 -18.63
CA LEU A 104 -6.55 -18.50 -19.08
C LEU A 104 -6.33 -18.17 -20.55
N LEU A 105 -5.20 -17.55 -20.84
CA LEU A 105 -4.85 -17.17 -22.20
C LEU A 105 -3.72 -18.07 -22.75
N CYS A 106 -3.96 -18.89 -23.83
N CYS A 106 -3.96 -18.92 -23.79
CA CYS A 106 -2.95 -19.72 -24.52
CA CYS A 106 -2.84 -19.62 -24.44
C CYS A 106 -2.67 -19.09 -25.87
C CYS A 106 -2.65 -19.06 -25.82
N VAL A 107 -1.39 -18.99 -26.21
CA VAL A 107 -0.92 -18.47 -27.47
C VAL A 107 -0.02 -19.56 -28.01
N ASN A 108 -0.44 -20.17 -29.14
CA ASN A 108 0.31 -21.21 -29.84
C ASN A 108 1.28 -20.54 -30.76
N VAL A 109 2.55 -20.88 -30.62
CA VAL A 109 3.63 -20.25 -31.38
C VAL A 109 4.69 -21.26 -31.85
N SER A 110 5.52 -20.78 -32.78
CA SER A 110 6.68 -21.50 -33.32
CA SER A 110 6.67 -21.50 -33.31
C SER A 110 7.92 -20.72 -32.94
N LEU A 111 8.93 -21.40 -32.40
CA LEU A 111 10.17 -20.74 -31.98
C LEU A 111 11.33 -21.73 -32.01
N GLY A 112 12.40 -21.36 -32.72
CA GLY A 112 13.61 -22.16 -32.87
C GLY A 112 13.38 -23.57 -33.40
N GLY A 113 12.40 -23.71 -34.29
CA GLY A 113 12.02 -24.99 -34.89
C GLY A 113 11.15 -25.86 -34.00
N ASN A 114 10.61 -25.30 -32.89
CA ASN A 114 9.76 -26.03 -31.95
C ASN A 114 8.39 -25.37 -31.77
N GLU A 115 7.36 -26.18 -31.49
CA GLU A 115 5.98 -25.73 -31.29
C GLU A 115 5.68 -25.59 -29.80
N PHE A 116 5.07 -24.47 -29.41
CA PHE A 116 4.73 -24.18 -28.03
C PHE A 116 3.31 -23.67 -27.82
N CYS A 117 2.72 -23.94 -26.65
N CYS A 117 2.73 -23.91 -26.62
CA CYS A 117 1.48 -23.30 -26.18
CA CYS A 117 1.46 -23.36 -26.12
C CYS A 117 1.90 -22.58 -24.91
C CYS A 117 1.83 -22.57 -24.87
N LEU A 118 2.00 -21.26 -25.03
CA LEU A 118 2.38 -20.35 -23.95
C LEU A 118 1.12 -19.91 -23.26
N MET A 119 1.05 -20.12 -21.96
CA MET A 119 -0.14 -19.78 -21.17
C MET A 119 0.17 -18.80 -20.07
N THR A 120 -0.80 -17.91 -19.79
CA THR A 120 -0.70 -17.01 -18.63
C THR A 120 -2.09 -16.80 -18.05
N SER A 121 -2.09 -16.45 -16.78
CA SER A 121 -3.27 -16.12 -16.01
C SER A 121 -2.88 -15.35 -14.78
N HIS A 122 -3.85 -14.67 -14.24
CA HIS A 122 -3.78 -13.98 -12.97
C HIS A 122 -4.87 -14.65 -12.15
N LEU A 123 -4.53 -15.72 -11.41
CA LEU A 123 -5.55 -16.49 -10.68
C LEU A 123 -6.22 -15.64 -9.59
N GLU A 124 -7.48 -15.99 -9.23
CA GLU A 124 -8.28 -15.28 -8.24
C GLU A 124 -7.46 -14.81 -7.05
N SER A 125 -7.46 -13.50 -6.82
CA SER A 125 -6.71 -12.84 -5.76
C SER A 125 -7.45 -12.97 -4.44
N THR A 126 -6.76 -12.65 -3.32
CA THR A 126 -7.25 -12.61 -1.92
C THR A 126 -7.36 -13.99 -1.29
N ARG A 127 -6.97 -14.08 0.00
N ARG A 127 -6.97 -14.08 0.00
CA ARG A 127 -7.00 -15.31 0.81
CA ARG A 127 -6.99 -15.30 0.81
C ARG A 127 -8.39 -15.94 0.85
C ARG A 127 -8.38 -15.94 0.86
N GLY A 128 -9.42 -15.11 0.95
CA GLY A 128 -10.82 -15.54 1.03
C GLY A 128 -11.36 -16.39 -0.11
N HIS A 129 -10.83 -16.18 -1.33
CA HIS A 129 -11.26 -16.87 -2.54
C HIS A 129 -10.33 -18.05 -2.88
N SER A 130 -9.83 -18.74 -1.84
CA SER A 130 -8.93 -19.89 -1.97
C SER A 130 -9.56 -21.03 -2.78
N ALA A 131 -10.84 -21.37 -2.50
CA ALA A 131 -11.55 -22.44 -3.20
C ALA A 131 -11.63 -22.16 -4.71
N GLU A 132 -11.97 -20.93 -5.11
CA GLU A 132 -12.05 -20.54 -6.53
C GLU A 132 -10.65 -20.58 -7.18
N ARG A 133 -9.62 -20.08 -6.49
CA ARG A 133 -8.23 -20.09 -6.99
C ARG A 133 -7.77 -21.54 -7.26
N ILE A 134 -8.10 -22.46 -6.34
CA ILE A 134 -7.77 -23.89 -6.47
C ILE A 134 -8.49 -24.49 -7.71
N ARG A 135 -9.77 -24.14 -7.93
CA ARG A 135 -10.56 -24.61 -9.10
C ARG A 135 -9.92 -24.09 -10.38
N GLN A 136 -9.46 -22.83 -10.37
CA GLN A 136 -8.82 -22.21 -11.53
C GLN A 136 -7.49 -22.89 -11.81
N LEU A 137 -6.71 -23.23 -10.75
CA LEU A 137 -5.43 -23.94 -10.92
C LEU A 137 -5.68 -25.29 -11.61
N LYS A 138 -6.76 -26.02 -11.21
CA LYS A 138 -7.16 -27.30 -11.81
C LYS A 138 -7.44 -27.14 -13.31
N THR A 139 -8.19 -26.07 -13.69
CA THR A 139 -8.52 -25.74 -15.08
C THR A 139 -7.22 -25.56 -15.88
N VAL A 140 -6.26 -24.76 -15.34
CA VAL A 140 -4.95 -24.51 -15.96
C VAL A 140 -4.21 -25.84 -16.17
N LEU A 141 -4.06 -26.63 -15.10
CA LEU A 141 -3.35 -27.92 -15.14
C LEU A 141 -4.01 -28.90 -16.13
N GLY A 142 -5.34 -28.94 -16.16
CA GLY A 142 -6.09 -29.78 -17.11
C GLY A 142 -5.83 -29.39 -18.55
N LYS A 143 -5.86 -28.08 -18.84
CA LYS A 143 -5.58 -27.51 -20.17
C LYS A 143 -4.15 -27.82 -20.62
N MET A 144 -3.17 -27.77 -19.68
CA MET A 144 -1.77 -28.08 -19.97
C MET A 144 -1.63 -29.53 -20.46
N GLN A 145 -2.33 -30.46 -19.80
CA GLN A 145 -2.29 -31.88 -20.14
C GLN A 145 -3.01 -32.18 -21.46
N GLU A 146 -4.03 -31.38 -21.83
CA GLU A 146 -4.82 -31.60 -23.04
C GLU A 146 -4.11 -31.15 -24.33
N ALA A 147 -3.03 -30.36 -24.23
CA ALA A 147 -2.32 -29.86 -25.41
C ALA A 147 -1.72 -31.00 -26.26
N PRO A 148 -1.63 -30.85 -27.61
CA PRO A 148 -1.03 -31.93 -28.44
C PRO A 148 0.32 -32.39 -27.91
N ASP A 149 0.57 -33.70 -27.98
CA ASP A 149 1.75 -34.39 -27.47
C ASP A 149 3.11 -33.81 -27.95
N SER A 150 3.21 -33.36 -29.20
CA SER A 150 4.45 -32.85 -29.79
C SER A 150 4.72 -31.35 -29.45
N THR A 151 3.86 -30.72 -28.64
CA THR A 151 3.97 -29.32 -28.26
C THR A 151 4.55 -29.19 -26.84
N THR A 152 5.44 -28.20 -26.64
CA THR A 152 5.99 -27.85 -25.33
C THR A 152 5.02 -26.84 -24.70
N VAL A 153 4.48 -27.19 -23.54
CA VAL A 153 3.52 -26.36 -22.81
C VAL A 153 4.22 -25.63 -21.68
N ILE A 154 4.09 -24.30 -21.68
CA ILE A 154 4.63 -23.45 -20.62
C ILE A 154 3.55 -22.54 -20.07
N PHE A 155 3.30 -22.64 -18.76
CA PHE A 155 2.45 -21.70 -18.04
C PHE A 155 3.35 -20.81 -17.21
N ALA A 156 3.18 -19.51 -17.29
CA ALA A 156 3.93 -18.57 -16.45
C ALA A 156 2.99 -17.44 -16.09
N GLY A 157 2.72 -17.27 -14.79
CA GLY A 157 1.81 -16.22 -14.35
C GLY A 157 1.71 -16.01 -12.86
N ASP A 158 0.82 -15.10 -12.47
CA ASP A 158 0.59 -14.80 -11.07
C ASP A 158 -0.51 -15.72 -10.56
N THR A 159 -0.11 -16.76 -9.85
CA THR A 159 -1.01 -17.79 -9.36
C THR A 159 -1.71 -17.40 -8.05
N ASN A 160 -1.14 -16.44 -7.27
CA ASN A 160 -1.67 -16.05 -5.95
C ASN A 160 -1.70 -17.25 -4.97
N LEU A 161 -0.95 -18.32 -5.29
CA LEU A 161 -0.94 -19.54 -4.49
C LEU A 161 -0.14 -19.39 -3.20
N ARG A 162 -0.57 -20.11 -2.14
CA ARG A 162 0.07 -20.11 -0.83
C ARG A 162 -0.24 -21.38 -0.07
N ASP A 163 0.49 -21.62 1.04
CA ASP A 163 0.31 -22.76 1.95
C ASP A 163 0.20 -24.08 1.17
N ARG A 164 -0.84 -24.89 1.45
CA ARG A 164 -1.07 -26.19 0.80
C ARG A 164 -2.21 -26.10 -0.24
N GLU A 165 -2.32 -24.97 -0.96
CA GLU A 165 -3.37 -24.82 -1.98
C GLU A 165 -3.12 -25.76 -3.17
N VAL A 166 -1.84 -26.00 -3.52
CA VAL A 166 -1.48 -26.92 -4.60
C VAL A 166 -1.83 -28.36 -4.15
N ILE A 167 -1.55 -28.71 -2.89
CA ILE A 167 -1.90 -30.03 -2.33
C ILE A 167 -3.44 -30.22 -2.40
N LYS A 168 -4.22 -29.19 -1.99
CA LYS A 168 -5.69 -29.20 -2.01
C LYS A 168 -6.28 -29.39 -3.42
N CYS A 169 -5.51 -28.97 -4.45
CA CYS A 169 -5.92 -29.08 -5.86
CA CYS A 169 -5.85 -29.06 -5.88
C CYS A 169 -5.74 -30.53 -6.34
N GLY A 170 -4.97 -31.32 -5.59
CA GLY A 170 -4.67 -32.72 -5.86
C GLY A 170 -3.22 -32.90 -6.25
N GLY A 171 -2.46 -31.80 -6.14
CA GLY A 171 -1.04 -31.71 -6.49
C GLY A 171 -0.81 -31.56 -7.97
N LEU A 172 0.42 -31.20 -8.36
CA LEU A 172 0.75 -31.09 -9.77
C LEU A 172 0.69 -32.48 -10.39
N PRO A 173 0.12 -32.64 -11.59
CA PRO A 173 0.07 -33.97 -12.21
C PRO A 173 1.47 -34.54 -12.49
N ASP A 174 1.55 -35.86 -12.70
CA ASP A 174 2.77 -36.63 -12.98
C ASP A 174 3.61 -36.04 -14.12
N ASN A 175 2.98 -35.41 -15.12
CA ASN A 175 3.69 -34.87 -16.29
C ASN A 175 3.79 -33.31 -16.29
N VAL A 176 3.53 -32.63 -15.16
CA VAL A 176 3.63 -31.16 -15.09
C VAL A 176 4.60 -30.81 -13.96
N PHE A 177 5.54 -29.89 -14.20
CA PHE A 177 6.53 -29.53 -13.20
C PHE A 177 6.60 -28.05 -12.96
N ASP A 178 6.93 -27.69 -11.71
CA ASP A 178 7.15 -26.30 -11.33
C ASP A 178 8.65 -26.04 -11.56
N ALA A 179 8.99 -24.99 -12.34
CA ALA A 179 10.39 -24.68 -12.69
C ALA A 179 11.28 -24.44 -11.46
N TRP A 180 10.76 -23.72 -10.44
CA TRP A 180 11.51 -23.44 -9.21
C TRP A 180 11.76 -24.73 -8.43
N GLU A 181 10.74 -25.61 -8.37
CA GLU A 181 10.86 -26.90 -7.70
C GLU A 181 11.86 -27.79 -8.44
N PHE A 182 11.79 -27.81 -9.79
CA PHE A 182 12.66 -28.63 -10.64
C PHE A 182 14.14 -28.27 -10.45
N LEU A 183 14.43 -26.98 -10.23
CA LEU A 183 15.80 -26.49 -10.04
C LEU A 183 16.31 -26.65 -8.58
N GLY A 184 15.56 -27.38 -7.76
CA GLY A 184 15.91 -27.68 -6.38
C GLY A 184 15.55 -26.61 -5.36
N LYS A 185 14.47 -25.85 -5.63
CA LYS A 185 13.94 -24.79 -4.77
C LYS A 185 15.05 -23.76 -4.35
N PRO A 186 15.79 -23.13 -5.33
CA PRO A 186 16.86 -22.19 -4.94
C PRO A 186 16.35 -21.01 -4.11
N LYS A 187 17.09 -20.65 -3.05
CA LYS A 187 16.71 -19.58 -2.13
C LYS A 187 16.69 -18.19 -2.77
N HIS A 188 17.63 -17.89 -3.68
CA HIS A 188 17.73 -16.55 -4.29
C HIS A 188 16.46 -16.10 -5.05
N CYS A 189 15.62 -17.05 -5.50
CA CYS A 189 14.40 -16.65 -6.22
CA CYS A 189 14.44 -16.84 -6.32
C CYS A 189 13.15 -17.33 -5.63
N GLN A 190 13.23 -17.74 -4.35
CA GLN A 190 12.11 -18.36 -3.63
C GLN A 190 10.88 -17.45 -3.37
N TYR A 191 11.04 -16.12 -3.33
CA TYR A 191 9.89 -15.24 -3.10
C TYR A 191 9.77 -14.25 -4.23
N THR A 192 8.54 -14.03 -4.72
CA THR A 192 8.30 -13.09 -5.83
C THR A 192 7.44 -11.92 -5.34
N TRP A 193 6.90 -12.02 -4.12
CA TRP A 193 6.10 -10.98 -3.49
C TRP A 193 6.60 -10.91 -2.04
N ASP A 194 7.52 -9.95 -1.82
CA ASP A 194 8.25 -9.78 -0.58
C ASP A 194 8.10 -8.35 -0.08
N THR A 195 7.27 -8.15 0.96
CA THR A 195 6.97 -6.83 1.53
C THR A 195 8.13 -6.28 2.38
N LYS A 196 9.14 -7.11 2.70
CA LYS A 196 10.31 -6.67 3.45
C LYS A 196 11.33 -6.04 2.50
N ALA A 197 11.60 -6.73 1.37
CA ALA A 197 12.56 -6.29 0.35
C ALA A 197 11.95 -5.28 -0.62
N ASN A 198 10.63 -5.36 -0.86
CA ASN A 198 9.90 -4.47 -1.77
C ASN A 198 9.02 -3.51 -0.96
N ASN A 199 9.13 -2.20 -1.23
CA ASN A 199 8.44 -1.13 -0.51
C ASN A 199 7.27 -0.48 -1.27
N ASN A 200 6.94 -0.97 -2.50
CA ASN A 200 5.89 -0.36 -3.34
C ASN A 200 4.53 -0.23 -2.66
N LEU A 201 4.13 -1.22 -1.83
CA LEU A 201 2.84 -1.19 -1.14
C LEU A 201 2.91 -0.58 0.26
N ARG A 202 4.12 -0.43 0.82
CA ARG A 202 4.38 0.12 2.16
C ARG A 202 3.67 -0.72 3.25
N ILE A 203 3.61 -2.06 3.05
CA ILE A 203 3.00 -2.97 4.01
C ILE A 203 3.96 -3.05 5.22
N PRO A 204 3.49 -2.71 6.45
CA PRO A 204 4.40 -2.72 7.60
C PRO A 204 4.85 -4.12 8.04
N ALA A 205 4.00 -5.14 7.87
CA ALA A 205 4.35 -6.53 8.24
C ALA A 205 5.24 -7.17 7.20
N ALA A 206 6.20 -8.00 7.63
CA ALA A 206 7.11 -8.70 6.74
C ALA A 206 6.43 -9.98 6.23
N CYS A 207 6.11 -10.00 4.93
CA CYS A 207 5.45 -11.12 4.25
C CYS A 207 6.25 -11.49 3.01
N LYS A 208 6.54 -12.79 2.85
CA LYS A 208 7.31 -13.32 1.73
C LYS A 208 6.56 -14.50 1.12
N LEU A 209 6.02 -14.33 -0.10
CA LEU A 209 5.26 -15.38 -0.76
C LEU A 209 5.76 -15.64 -2.18
N ARG A 210 5.44 -16.82 -2.72
CA ARG A 210 5.85 -17.20 -4.07
C ARG A 210 4.59 -17.28 -4.95
N PHE A 211 4.03 -16.12 -5.25
CA PHE A 211 2.83 -16.03 -6.07
C PHE A 211 3.09 -16.31 -7.54
N ASP A 212 4.24 -15.87 -8.07
CA ASP A 212 4.56 -16.01 -9.48
C ASP A 212 5.23 -17.33 -9.72
N ARG A 213 4.60 -18.17 -10.55
CA ARG A 213 5.08 -19.54 -10.77
C ARG A 213 5.08 -19.92 -12.24
N ILE A 214 5.98 -20.84 -12.58
CA ILE A 214 6.17 -21.39 -13.91
C ILE A 214 5.93 -22.86 -13.89
N PHE A 215 4.99 -23.35 -14.73
CA PHE A 215 4.71 -24.77 -14.87
C PHE A 215 5.04 -25.21 -16.29
N PHE A 216 5.66 -26.38 -16.46
CA PHE A 216 5.94 -26.82 -17.83
C PHE A 216 5.59 -28.29 -18.03
N ARG A 217 5.25 -28.63 -19.27
CA ARG A 217 4.98 -29.98 -19.75
C ARG A 217 5.82 -30.17 -21.02
N ALA A 218 6.91 -30.93 -20.90
CA ALA A 218 7.82 -31.19 -22.02
C ALA A 218 8.12 -32.68 -22.16
N GLU A 219 8.43 -33.13 -23.39
CA GLU A 219 8.77 -34.53 -23.66
C GLU A 219 10.10 -34.87 -22.99
N GLU A 220 10.24 -36.13 -22.52
CA GLU A 220 11.44 -36.63 -21.85
C GLU A 220 12.66 -36.53 -22.77
N GLY A 221 13.71 -35.88 -22.28
CA GLY A 221 14.97 -35.69 -23.00
C GLY A 221 15.01 -34.45 -23.89
N HIS A 222 13.95 -33.61 -23.84
CA HIS A 222 13.85 -32.39 -24.64
C HIS A 222 14.16 -31.15 -23.74
N LEU A 223 13.27 -30.13 -23.71
CA LEU A 223 13.47 -28.89 -22.95
C LEU A 223 13.27 -29.06 -21.44
N ILE A 224 14.20 -28.48 -20.63
CA ILE A 224 14.20 -28.44 -19.17
C ILE A 224 14.73 -27.07 -18.66
N PRO A 225 14.29 -26.54 -17.49
CA PRO A 225 14.84 -25.25 -17.01
C PRO A 225 16.35 -25.30 -16.76
N GLN A 226 17.03 -24.30 -17.31
CA GLN A 226 18.47 -24.09 -17.25
C GLN A 226 18.77 -23.06 -16.15
N SER A 227 17.94 -22.02 -16.07
CA SER A 227 18.13 -20.95 -15.11
C SER A 227 16.82 -20.31 -14.73
N LEU A 228 16.80 -19.71 -13.54
CA LEU A 228 15.64 -18.98 -13.01
C LEU A 228 16.18 -17.89 -12.13
N ASP A 229 15.82 -16.64 -12.44
CA ASP A 229 16.30 -15.48 -11.71
C ASP A 229 15.21 -14.45 -11.49
N LEU A 230 15.31 -13.68 -10.39
CA LEU A 230 14.39 -12.58 -10.15
C LEU A 230 14.82 -11.39 -11.00
N VAL A 231 13.86 -10.61 -11.48
CA VAL A 231 14.12 -9.37 -12.22
C VAL A 231 13.33 -8.24 -11.56
N GLY A 232 13.75 -7.01 -11.79
CA GLY A 232 13.11 -5.82 -11.25
C GLY A 232 13.42 -5.49 -9.80
N LEU A 233 14.64 -5.85 -9.35
CA LEU A 233 15.09 -5.60 -7.98
C LEU A 233 15.90 -4.29 -7.86
N GLU A 234 16.02 -3.55 -8.97
CA GLU A 234 16.73 -2.28 -9.00
C GLU A 234 15.74 -1.15 -8.73
N LYS A 235 16.00 -0.36 -7.67
CA LYS A 235 15.17 0.79 -7.33
C LYS A 235 15.27 1.82 -8.42
N LEU A 236 14.14 2.40 -8.81
CA LEU A 236 14.12 3.42 -9.85
C LEU A 236 14.41 4.79 -9.22
N ASP A 237 14.45 5.86 -10.03
CA ASP A 237 14.75 7.22 -9.58
C ASP A 237 13.79 7.70 -8.47
N CYS A 238 12.50 7.31 -8.53
CA CYS A 238 11.47 7.70 -7.55
C CYS A 238 11.65 6.98 -6.18
N GLY A 239 12.63 6.07 -6.09
CA GLY A 239 12.91 5.32 -4.87
C GLY A 239 12.04 4.09 -4.69
N ARG A 240 11.25 3.74 -5.72
CA ARG A 240 10.37 2.57 -5.72
C ARG A 240 10.80 1.61 -6.81
N PHE A 241 10.26 0.39 -6.79
CA PHE A 241 10.57 -0.63 -7.77
C PHE A 241 9.55 -0.57 -8.93
N PRO A 242 9.82 -1.21 -10.10
CA PRO A 242 8.81 -1.20 -11.19
C PRO A 242 7.45 -1.77 -10.78
N SER A 243 7.42 -2.69 -9.79
CA SER A 243 6.19 -3.34 -9.33
C SER A 243 6.34 -3.80 -7.87
N ASP A 244 5.21 -4.19 -7.25
CA ASP A 244 5.19 -4.78 -5.90
C ASP A 244 5.66 -6.23 -5.98
N HIS A 245 5.65 -6.80 -7.20
CA HIS A 245 6.15 -8.15 -7.46
C HIS A 245 7.52 -8.13 -8.12
N TRP A 246 8.32 -9.14 -7.87
CA TRP A 246 9.54 -9.34 -8.64
C TRP A 246 9.11 -10.10 -9.88
N GLY A 247 9.82 -9.91 -10.97
CA GLY A 247 9.55 -10.69 -12.17
C GLY A 247 10.42 -11.93 -12.14
N LEU A 248 10.10 -12.94 -12.94
CA LEU A 248 10.89 -14.16 -13.04
C LEU A 248 11.44 -14.30 -14.45
N LEU A 249 12.76 -14.45 -14.58
CA LEU A 249 13.43 -14.69 -15.87
C LEU A 249 13.81 -16.15 -15.89
N CYS A 250 13.37 -16.87 -16.93
CA CYS A 250 13.61 -18.30 -17.03
C CYS A 250 14.08 -18.68 -18.42
N THR A 251 15.02 -19.63 -18.50
CA THR A 251 15.49 -20.20 -19.76
C THR A 251 15.33 -21.70 -19.69
N LEU A 252 14.74 -22.29 -20.74
CA LEU A 252 14.61 -23.73 -20.90
C LEU A 252 15.51 -24.14 -22.06
N ASN A 253 16.29 -25.22 -21.88
CA ASN A 253 17.22 -25.73 -22.90
C ASN A 253 17.07 -27.24 -23.07
N VAL A 254 17.50 -27.75 -24.24
CA VAL A 254 17.45 -29.19 -24.54
C VAL A 254 18.73 -29.83 -24.05
N VAL A 255 18.59 -30.89 -23.24
CA VAL A 255 19.73 -31.64 -22.73
C VAL A 255 19.64 -33.06 -23.28
N LEU A 256 20.61 -33.41 -24.15
CA LEU A 256 20.75 -34.72 -24.80
C LEU A 256 21.95 -35.47 -24.24
N SER B 7 -20.19 29.73 28.17
CA SER B 7 -18.96 28.94 28.08
C SER B 7 -18.15 29.32 26.84
N SER B 8 -16.86 28.93 26.81
CA SER B 8 -16.00 29.18 25.66
C SER B 8 -15.98 27.92 24.78
N THR B 9 -15.75 28.10 23.48
CA THR B 9 -15.70 26.96 22.57
C THR B 9 -14.31 26.83 21.96
N ILE B 10 -14.00 25.61 21.51
CA ILE B 10 -12.75 25.29 20.82
C ILE B 10 -13.04 24.18 19.81
N SER B 11 -12.59 24.38 18.58
CA SER B 11 -12.70 23.35 17.55
C SER B 11 -11.33 23.06 17.02
N PHE B 12 -11.04 21.80 16.74
CA PHE B 12 -9.74 21.44 16.23
C PHE B 12 -9.82 20.23 15.32
N ILE B 13 -8.80 20.07 14.49
CA ILE B 13 -8.63 18.91 13.63
C ILE B 13 -7.32 18.24 14.00
N THR B 14 -7.32 16.91 14.14
CA THR B 14 -6.08 16.15 14.29
C THR B 14 -5.99 15.25 13.06
N TRP B 15 -4.83 15.18 12.41
CA TRP B 15 -4.72 14.42 11.17
C TRP B 15 -3.31 14.01 10.83
N ASN B 16 -3.08 12.71 10.65
CA ASN B 16 -1.81 12.21 10.13
C ASN B 16 -1.99 12.33 8.63
N ILE B 17 -1.29 13.27 8.01
CA ILE B 17 -1.53 13.58 6.59
C ILE B 17 -0.58 12.83 5.63
N ASP B 18 0.12 11.78 6.12
CA ASP B 18 0.99 10.89 5.32
C ASP B 18 1.92 11.67 4.36
N GLY B 19 2.74 12.55 4.93
CA GLY B 19 3.67 13.36 4.14
C GLY B 19 4.79 12.57 3.48
N LEU B 20 5.06 11.36 3.97
CA LEU B 20 6.09 10.47 3.45
C LEU B 20 5.61 9.79 2.15
N ASP B 21 4.31 9.95 1.81
CA ASP B 21 3.73 9.44 0.57
C ASP B 21 3.90 10.53 -0.49
N GLY B 22 4.88 10.34 -1.38
CA GLY B 22 5.16 11.29 -2.45
C GLY B 22 4.13 11.34 -3.57
N CYS B 23 3.31 10.27 -3.68
CA CYS B 23 2.31 10.17 -4.75
CA CYS B 23 2.27 10.11 -4.71
C CYS B 23 1.15 11.14 -4.54
N ASN B 24 0.91 11.98 -5.56
CA ASN B 24 -0.12 13.03 -5.60
C ASN B 24 -0.04 13.96 -4.37
N LEU B 25 1.17 14.15 -3.80
CA LEU B 25 1.35 14.96 -2.60
C LEU B 25 0.87 16.42 -2.80
N PRO B 26 1.18 17.17 -3.90
CA PRO B 26 0.62 18.52 -4.05
C PRO B 26 -0.92 18.54 -4.02
N GLU B 27 -1.57 17.61 -4.76
CA GLU B 27 -3.03 17.51 -4.81
C GLU B 27 -3.62 17.15 -3.45
N ARG B 28 -2.95 16.24 -2.73
CA ARG B 28 -3.39 15.79 -1.41
C ARG B 28 -3.24 16.92 -0.37
N ALA B 29 -2.15 17.71 -0.46
CA ALA B 29 -1.93 18.87 0.43
C ALA B 29 -3.02 19.94 0.16
N ARG B 30 -3.44 20.07 -1.13
CA ARG B 30 -4.51 20.98 -1.56
C ARG B 30 -5.84 20.52 -0.94
N GLY B 31 -6.04 19.20 -0.87
CA GLY B 31 -7.20 18.57 -0.27
C GLY B 31 -7.28 18.83 1.23
N VAL B 32 -6.14 18.76 1.94
CA VAL B 32 -6.07 19.05 3.38
C VAL B 32 -6.38 20.54 3.60
N CYS B 33 -5.76 21.43 2.80
CA CYS B 33 -5.97 22.87 2.93
C CYS B 33 -7.43 23.26 2.64
N SER B 34 -8.11 22.55 1.71
CA SER B 34 -9.52 22.80 1.39
CA SER B 34 -9.52 22.82 1.41
C SER B 34 -10.40 22.45 2.60
N CYS B 35 -10.01 21.39 3.35
CA CYS B 35 -10.70 20.95 4.56
CA CYS B 35 -10.72 20.95 4.54
C CYS B 35 -10.54 22.01 5.65
N LEU B 36 -9.30 22.55 5.80
CA LEU B 36 -9.00 23.59 6.78
C LEU B 36 -9.72 24.88 6.44
N ALA B 37 -9.83 25.22 5.13
CA ALA B 37 -10.54 26.42 4.67
C ALA B 37 -12.04 26.30 4.96
N LEU B 38 -12.60 25.08 4.86
CA LEU B 38 -14.02 24.85 5.11
C LEU B 38 -14.37 24.96 6.60
N TYR B 39 -13.72 24.16 7.46
CA TYR B 39 -14.05 24.09 8.88
C TYR B 39 -13.44 25.19 9.74
N SER B 40 -12.35 25.82 9.25
CA SER B 40 -11.59 26.88 9.94
C SER B 40 -11.46 26.59 11.45
N PRO B 41 -10.89 25.44 11.86
CA PRO B 41 -10.78 25.18 13.31
C PRO B 41 -9.82 26.14 13.98
N ASP B 42 -9.91 26.27 15.32
CA ASP B 42 -8.98 27.14 16.05
C ASP B 42 -7.57 26.59 15.98
N VAL B 43 -7.45 25.26 16.07
CA VAL B 43 -6.16 24.58 16.14
C VAL B 43 -6.14 23.39 15.18
N VAL B 44 -4.98 23.11 14.60
CA VAL B 44 -4.81 21.92 13.77
C VAL B 44 -3.62 21.15 14.31
N PHE B 45 -3.80 19.86 14.64
CA PHE B 45 -2.72 18.97 15.05
C PHE B 45 -2.38 18.08 13.86
N LEU B 46 -1.17 18.17 13.33
CA LEU B 46 -0.80 17.36 12.18
C LEU B 46 0.35 16.42 12.52
N GLN B 47 0.38 15.26 11.87
CA GLN B 47 1.46 14.29 12.03
C GLN B 47 1.95 13.89 10.64
N GLU B 48 3.23 13.48 10.55
CA GLU B 48 3.92 13.09 9.32
C GLU B 48 4.01 14.27 8.34
N VAL B 49 4.26 15.47 8.86
CA VAL B 49 4.49 16.65 8.05
C VAL B 49 5.94 16.59 7.59
N ILE B 50 6.22 16.96 6.33
CA ILE B 50 7.60 16.98 5.84
C ILE B 50 7.93 18.45 5.46
N PRO B 51 9.22 18.89 5.34
CA PRO B 51 9.48 20.31 5.04
C PRO B 51 8.77 20.89 3.79
N PRO B 52 8.65 20.24 2.60
CA PRO B 52 7.91 20.89 1.50
C PRO B 52 6.40 21.01 1.79
N TYR B 53 5.85 20.11 2.65
CA TYR B 53 4.44 20.16 3.05
C TYR B 53 4.20 21.40 3.93
N CYS B 54 5.18 21.68 4.83
CA CYS B 54 5.19 22.85 5.71
CA CYS B 54 5.12 22.83 5.72
C CYS B 54 5.13 24.12 4.89
N ALA B 55 5.99 24.17 3.84
CA ALA B 55 6.11 25.29 2.91
C ALA B 55 4.81 25.51 2.17
N TYR B 56 4.11 24.41 1.80
CA TYR B 56 2.81 24.44 1.12
C TYR B 56 1.73 25.00 2.03
N LEU B 57 1.72 24.58 3.31
CA LEU B 57 0.76 25.08 4.30
C LEU B 57 0.94 26.59 4.52
N LYS B 58 2.19 27.09 4.47
CA LYS B 58 2.49 28.51 4.63
C LYS B 58 1.88 29.34 3.51
N LYS B 59 1.68 28.73 2.34
CA LYS B 59 1.10 29.39 1.17
C LYS B 59 -0.43 29.23 1.10
N ARG B 60 -0.97 28.02 1.37
CA ARG B 60 -2.41 27.78 1.19
C ARG B 60 -3.22 27.64 2.49
N ALA B 61 -2.58 27.82 3.65
CA ALA B 61 -3.22 27.85 4.97
C ALA B 61 -2.57 28.98 5.77
N ALA B 62 -2.37 30.14 5.09
CA ALA B 62 -1.70 31.33 5.62
C ALA B 62 -2.41 31.96 6.83
N SER B 63 -3.70 31.62 7.08
CA SER B 63 -4.41 32.16 8.26
C SER B 63 -3.96 31.46 9.55
N TYR B 64 -3.10 30.42 9.42
CA TYR B 64 -2.54 29.69 10.54
C TYR B 64 -1.07 29.91 10.72
N THR B 65 -0.61 29.98 11.96
N THR B 65 -0.60 29.93 11.97
CA THR B 65 0.82 30.00 12.25
CA THR B 65 1.97 31.27 12.41
CA THR B 65 0.82 30.01 12.31
C THR B 65 1.18 28.54 12.49
C THR B 65 1.25 28.59 12.67
N ILE B 66 2.38 28.10 12.10
CA ILE B 66 2.81 26.72 12.26
C ILE B 66 3.95 26.58 13.25
N ILE B 67 3.76 25.69 14.23
CA ILE B 67 4.74 25.28 15.23
C ILE B 67 5.05 23.81 14.91
N THR B 68 6.31 23.46 14.68
CA THR B 68 6.65 22.09 14.29
C THR B 68 7.46 21.38 15.37
N GLY B 69 7.36 20.05 15.37
CA GLY B 69 8.08 19.17 16.29
C GLY B 69 9.53 18.93 15.92
N ASN B 70 9.92 19.32 14.68
CA ASN B 70 11.28 19.21 14.10
C ASN B 70 11.35 20.01 12.80
N GLU B 71 12.56 20.13 12.22
CA GLU B 71 12.75 20.89 10.97
C GLU B 71 13.04 20.01 9.77
N GLU B 72 13.63 18.83 10.03
CA GLU B 72 14.02 17.87 8.99
C GLU B 72 13.30 16.54 9.16
N GLY B 73 13.34 15.72 8.11
CA GLY B 73 12.71 14.40 8.07
C GLY B 73 11.21 14.53 8.04
N TYR B 74 10.53 13.91 9.00
CA TYR B 74 9.08 14.04 9.14
C TYR B 74 8.78 14.30 10.61
N PHE B 75 7.73 15.08 10.88
CA PHE B 75 7.44 15.56 12.22
C PHE B 75 6.00 15.98 12.36
N THR B 76 5.62 16.35 13.59
CA THR B 76 4.29 16.86 13.90
C THR B 76 4.26 18.39 13.74
N ALA B 77 3.07 18.95 13.78
CA ALA B 77 2.86 20.39 13.72
C ALA B 77 1.59 20.77 14.46
N ILE B 78 1.60 21.94 15.09
CA ILE B 78 0.44 22.53 15.72
C ILE B 78 0.20 23.87 15.00
N LEU B 79 -0.97 24.00 14.38
CA LEU B 79 -1.35 25.20 13.65
C LEU B 79 -2.32 26.00 14.49
N LEU B 80 -2.06 27.31 14.66
CA LEU B 80 -2.94 28.16 15.45
C LEU B 80 -3.60 29.21 14.57
N LYS B 81 -4.92 29.35 14.69
CA LYS B 81 -5.69 30.34 13.91
C LYS B 81 -5.32 31.75 14.37
N LYS B 82 -4.70 32.54 13.46
CA LYS B 82 -4.33 33.93 13.73
C LYS B 82 -5.54 34.76 14.09
N GLY B 83 -5.38 35.62 15.09
CA GLY B 83 -6.46 36.52 15.52
C GLY B 83 -7.40 35.90 16.53
N ARG B 84 -7.58 34.57 16.47
CA ARG B 84 -8.46 33.86 17.40
C ARG B 84 -7.66 33.28 18.56
N VAL B 85 -6.56 32.58 18.26
CA VAL B 85 -5.73 31.93 19.29
C VAL B 85 -4.60 32.89 19.73
N LYS B 86 -4.42 33.04 21.06
CA LYS B 86 -3.35 33.87 21.62
C LYS B 86 -2.26 32.95 22.17
N PHE B 87 -1.09 32.93 21.53
CA PHE B 87 0.05 32.10 21.90
C PHE B 87 0.75 32.61 23.16
N LYS B 88 1.15 31.67 24.05
CA LYS B 88 1.87 32.00 25.29
C LYS B 88 3.27 31.39 25.24
N SER B 89 3.39 30.08 25.01
CA SER B 89 4.70 29.39 24.96
C SER B 89 4.60 28.04 24.24
N GLN B 90 5.76 27.47 23.90
CA GLN B 90 5.84 26.15 23.27
C GLN B 90 7.05 25.39 23.83
N GLU B 91 6.96 24.05 23.86
CA GLU B 91 8.05 23.19 24.33
C GLU B 91 7.95 21.80 23.72
N ILE B 92 9.11 21.19 23.44
CA ILE B 92 9.20 19.86 22.86
C ILE B 92 9.77 18.93 23.93
N ILE B 93 8.99 17.92 24.33
CA ILE B 93 9.42 16.91 25.31
C ILE B 93 9.98 15.76 24.48
N PRO B 94 11.27 15.40 24.65
CA PRO B 94 11.82 14.33 23.82
C PRO B 94 11.39 12.94 24.30
N PHE B 95 11.46 11.95 23.40
CA PHE B 95 11.24 10.53 23.70
C PHE B 95 12.62 9.90 23.54
N PRO B 96 13.42 9.79 24.62
CA PRO B 96 14.81 9.32 24.47
C PRO B 96 15.00 7.95 23.80
N ASN B 97 13.99 7.06 23.86
CA ASN B 97 14.11 5.73 23.28
C ASN B 97 13.45 5.59 21.91
N THR B 98 12.96 6.69 21.31
CA THR B 98 12.35 6.58 19.99
C THR B 98 13.41 6.22 18.94
N LYS B 99 13.02 5.36 17.99
CA LYS B 99 13.85 4.96 16.84
C LYS B 99 13.30 5.64 15.59
N MET B 100 12.26 6.48 15.75
CA MET B 100 11.55 7.14 14.66
C MET B 100 11.39 8.67 14.83
N MET B 101 12.29 9.32 15.61
CA MET B 101 12.32 10.79 15.84
C MET B 101 10.99 11.33 16.43
N ARG B 102 10.27 10.49 17.17
CA ARG B 102 9.00 10.88 17.75
C ARG B 102 9.25 11.68 19.02
N ASN B 103 8.33 12.61 19.32
CA ASN B 103 8.43 13.49 20.49
C ASN B 103 7.04 14.01 20.86
N LEU B 104 6.98 14.88 21.88
CA LEU B 104 5.73 15.46 22.36
C LEU B 104 5.81 16.98 22.25
N LEU B 105 5.01 17.54 21.35
CA LEU B 105 4.98 18.97 21.10
C LEU B 105 3.86 19.59 21.93
N CYS B 106 4.21 20.54 22.80
CA CYS B 106 3.27 21.23 23.70
C CYS B 106 3.23 22.71 23.37
N VAL B 107 2.02 23.24 23.15
CA VAL B 107 1.81 24.66 22.84
C VAL B 107 0.77 25.20 23.85
N ASN B 108 1.18 26.21 24.62
CA ASN B 108 0.36 26.89 25.62
C ASN B 108 -0.27 28.13 25.01
N VAL B 109 -1.60 28.19 25.02
CA VAL B 109 -2.36 29.28 24.41
C VAL B 109 -3.53 29.72 25.27
N SER B 110 -4.19 30.81 24.84
CA SER B 110 -5.41 31.35 25.44
CA SER B 110 -5.42 31.33 25.45
C SER B 110 -6.44 31.54 24.33
N LEU B 111 -7.68 31.08 24.55
CA LEU B 111 -8.74 31.19 23.54
C LEU B 111 -10.11 31.40 24.19
N GLY B 112 -10.75 32.53 23.85
CA GLY B 112 -12.06 32.92 24.34
C GLY B 112 -12.16 33.08 25.86
N GLY B 113 -11.05 33.48 26.48
CA GLY B 113 -10.97 33.68 27.93
C GLY B 113 -10.55 32.45 28.72
N ASN B 114 -10.15 31.37 28.04
CA ASN B 114 -9.71 30.13 28.68
C ASN B 114 -8.29 29.74 28.28
N GLU B 115 -7.49 29.25 29.25
CA GLU B 115 -6.10 28.81 29.05
C GLU B 115 -6.04 27.35 28.62
N PHE B 116 -5.22 27.05 27.61
CA PHE B 116 -5.08 25.69 27.11
C PHE B 116 -3.65 25.23 26.93
N CYS B 117 -3.42 23.95 27.21
CA CYS B 117 -2.16 23.31 26.88
C CYS B 117 -2.47 22.30 25.79
N LEU B 118 -2.06 22.61 24.55
CA LEU B 118 -2.31 21.80 23.36
C LEU B 118 -1.12 20.90 23.11
N MET B 119 -1.35 19.59 23.02
CA MET B 119 -0.28 18.63 22.84
C MET B 119 -0.51 17.74 21.66
N THR B 120 0.57 17.35 20.97
CA THR B 120 0.49 16.38 19.89
C THR B 120 1.74 15.52 19.86
N SER B 121 1.56 14.31 19.34
CA SER B 121 2.60 13.33 19.16
C SER B 121 2.16 12.32 18.13
N HIS B 122 3.14 11.70 17.50
CA HIS B 122 2.95 10.60 16.57
C HIS B 122 3.63 9.45 17.28
N LEU B 123 2.89 8.69 18.13
CA LEU B 123 3.54 7.63 18.93
C LEU B 123 4.19 6.57 18.05
N GLU B 124 5.25 5.92 18.58
CA GLU B 124 6.02 4.87 17.91
C GLU B 124 5.11 3.94 17.09
N SER B 125 5.40 3.84 15.79
CA SER B 125 4.62 3.05 14.84
C SER B 125 5.01 1.56 14.89
N THR B 126 4.13 0.71 14.32
CA THR B 126 4.24 -0.76 14.13
C THR B 126 4.04 -1.57 15.42
N ARG B 127 3.46 -2.76 15.26
CA ARG B 127 3.17 -3.70 16.35
C ARG B 127 4.42 -4.07 17.15
N GLY B 128 5.55 -4.26 16.48
CA GLY B 128 6.82 -4.66 17.08
C GLY B 128 7.45 -3.72 18.08
N HIS B 129 7.01 -2.45 18.10
CA HIS B 129 7.53 -1.43 19.03
C HIS B 129 6.46 -1.04 20.06
N SER B 130 5.58 -2.01 20.41
CA SER B 130 4.47 -1.85 21.37
C SER B 130 4.96 -1.35 22.74
N ALA B 131 6.04 -1.94 23.30
CA ALA B 131 6.59 -1.54 24.59
C ALA B 131 7.02 -0.07 24.59
N GLU B 132 7.67 0.38 23.49
CA GLU B 132 8.10 1.77 23.36
C GLU B 132 6.88 2.71 23.24
N ARG B 133 5.88 2.31 22.45
CA ARG B 133 4.64 3.07 22.26
C ARG B 133 3.89 3.26 23.60
N ILE B 134 3.83 2.19 24.44
CA ILE B 134 3.19 2.21 25.76
C ILE B 134 3.95 3.18 26.68
N ARG B 135 5.30 3.12 26.66
CA ARG B 135 6.12 4.00 27.49
C ARG B 135 5.96 5.46 27.04
N GLN B 136 5.77 5.70 25.73
CA GLN B 136 5.55 7.05 25.23
C GLN B 136 4.18 7.58 25.68
N LEU B 137 3.15 6.71 25.67
CA LEU B 137 1.82 7.07 26.15
C LEU B 137 1.89 7.45 27.64
N LYS B 138 2.66 6.68 28.45
CA LYS B 138 2.86 6.95 29.87
C LYS B 138 3.45 8.35 30.07
N THR B 139 4.42 8.71 29.23
CA THR B 139 5.06 10.04 29.23
C THR B 139 4.01 11.11 28.90
N VAL B 140 3.22 10.89 27.83
CA VAL B 140 2.17 11.82 27.41
C VAL B 140 1.18 12.07 28.57
N LEU B 141 0.64 10.98 29.15
CA LEU B 141 -0.35 11.03 30.24
C LEU B 141 0.20 11.72 31.48
N GLY B 142 1.48 11.50 31.77
CA GLY B 142 2.18 12.14 32.88
C GLY B 142 2.27 13.65 32.68
N LYS B 143 2.66 14.08 31.47
CA LYS B 143 2.79 15.50 31.10
C LYS B 143 1.41 16.20 31.17
N MET B 144 0.32 15.48 30.84
CA MET B 144 -1.05 16.04 30.91
C MET B 144 -1.42 16.39 32.36
N GLN B 145 -0.98 15.54 33.31
CA GLN B 145 -1.23 15.68 34.75
CA GLN B 145 -1.26 15.70 34.74
C GLN B 145 -0.38 16.80 35.37
N GLU B 146 0.77 17.10 34.76
CA GLU B 146 1.76 18.10 35.20
C GLU B 146 1.26 19.56 35.08
N ALA B 147 0.48 19.88 34.04
CA ALA B 147 -0.03 21.23 33.75
C ALA B 147 -0.87 21.84 34.91
N PRO B 148 -0.92 23.20 35.05
CA PRO B 148 -1.71 23.81 36.15
C PRO B 148 -3.19 23.46 36.05
N ASP B 149 -3.85 23.25 37.22
CA ASP B 149 -5.26 22.86 37.33
C ASP B 149 -6.22 23.87 36.66
N SER B 150 -5.81 25.14 36.55
CA SER B 150 -6.59 26.20 35.92
C SER B 150 -6.55 26.12 34.37
N THR B 151 -5.56 25.37 33.83
CA THR B 151 -5.36 25.19 32.38
C THR B 151 -6.07 23.91 31.90
N THR B 152 -6.71 23.97 30.73
CA THR B 152 -7.38 22.85 30.09
C THR B 152 -6.36 22.18 29.15
N VAL B 153 -6.10 20.88 29.37
CA VAL B 153 -5.13 20.12 28.59
C VAL B 153 -5.85 19.34 27.50
N ILE B 154 -5.37 19.46 26.25
CA ILE B 154 -5.91 18.74 25.11
C ILE B 154 -4.77 18.08 24.35
N PHE B 155 -4.80 16.75 24.32
CA PHE B 155 -3.88 15.94 23.53
C PHE B 155 -4.66 15.42 22.35
N ALA B 156 -4.10 15.52 21.15
CA ALA B 156 -4.71 14.96 19.95
C ALA B 156 -3.60 14.58 19.00
N GLY B 157 -3.57 13.31 18.61
CA GLY B 157 -2.53 12.85 17.69
C GLY B 157 -2.73 11.44 17.21
N ASP B 158 -1.76 10.94 16.44
CA ASP B 158 -1.76 9.58 15.94
C ASP B 158 -1.03 8.75 16.98
N THR B 159 -1.79 8.09 17.85
CA THR B 159 -1.24 7.29 18.93
C THR B 159 -0.78 5.89 18.49
N ASN B 160 -1.24 5.39 17.30
CA ASN B 160 -0.94 4.02 16.82
C ASN B 160 -1.39 2.95 17.85
N LEU B 161 -2.30 3.33 18.74
CA LEU B 161 -2.74 2.46 19.83
C LEU B 161 -3.79 1.46 19.44
N ARG B 162 -3.74 0.34 20.16
CA ARG B 162 -4.70 -0.75 20.16
C ARG B 162 -5.31 -0.70 21.56
N ASP B 163 -6.60 -1.03 21.71
CA ASP B 163 -7.29 -1.00 23.00
C ASP B 163 -6.55 -1.80 24.08
N ARG B 164 -5.96 -2.96 23.71
CA ARG B 164 -5.20 -3.83 24.62
C ARG B 164 -3.95 -3.14 25.20
N GLU B 165 -3.35 -2.19 24.45
CA GLU B 165 -2.14 -1.45 24.85
C GLU B 165 -2.47 -0.39 25.89
N VAL B 166 -3.65 0.23 25.80
CA VAL B 166 -4.11 1.24 26.76
C VAL B 166 -4.33 0.50 28.11
N ILE B 167 -4.90 -0.72 28.06
CA ILE B 167 -5.10 -1.60 29.23
C ILE B 167 -3.74 -1.90 29.87
N LYS B 168 -2.76 -2.39 29.06
CA LYS B 168 -1.40 -2.75 29.47
C LYS B 168 -0.66 -1.55 30.10
N CYS B 169 -0.92 -0.33 29.59
CA CYS B 169 -0.33 0.92 30.10
C CYS B 169 -0.84 1.24 31.52
N GLY B 170 -2.02 0.73 31.86
CA GLY B 170 -2.68 0.96 33.14
C GLY B 170 -3.94 1.79 33.02
N GLY B 171 -4.35 2.04 31.78
CA GLY B 171 -5.55 2.81 31.43
C GLY B 171 -5.34 4.30 31.55
N LEU B 172 -6.36 5.07 31.16
CA LEU B 172 -6.30 6.52 31.29
C LEU B 172 -6.47 6.90 32.77
N PRO B 173 -5.77 7.92 33.32
CA PRO B 173 -5.98 8.26 34.74
C PRO B 173 -7.38 8.81 35.00
N ASP B 174 -7.74 8.98 36.30
CA ASP B 174 -9.08 9.40 36.72
C ASP B 174 -9.48 10.82 36.29
N ASN B 175 -8.53 11.64 35.79
CA ASN B 175 -8.88 13.00 35.35
C ASN B 175 -8.57 13.22 33.85
N VAL B 176 -8.23 12.13 33.11
CA VAL B 176 -7.96 12.21 31.66
C VAL B 176 -9.00 11.34 30.94
N PHE B 177 -9.69 11.93 29.95
CA PHE B 177 -10.77 11.27 29.22
C PHE B 177 -10.54 11.26 27.73
N ASP B 178 -11.02 10.19 27.08
CA ASP B 178 -10.97 10.03 25.63
C ASP B 178 -12.25 10.66 25.06
N ALA B 179 -12.12 11.68 24.19
CA ALA B 179 -13.28 12.41 23.62
C ALA B 179 -14.29 11.49 22.92
N TRP B 180 -13.82 10.48 22.17
CA TRP B 180 -14.69 9.53 21.46
C TRP B 180 -15.48 8.69 22.49
N GLU B 181 -14.79 8.23 23.55
CA GLU B 181 -15.41 7.47 24.63
C GLU B 181 -16.43 8.32 25.39
N PHE B 182 -16.08 9.57 25.70
CA PHE B 182 -16.94 10.50 26.41
C PHE B 182 -18.22 10.81 25.63
N LEU B 183 -18.12 10.85 24.29
CA LEU B 183 -19.28 11.13 23.42
C LEU B 183 -20.15 9.88 23.17
N GLY B 184 -19.90 8.80 23.92
CA GLY B 184 -20.66 7.56 23.85
C GLY B 184 -20.24 6.60 22.75
N LYS B 185 -18.95 6.62 22.37
CA LYS B 185 -18.35 5.75 21.35
C LYS B 185 -19.17 5.77 20.02
N PRO B 186 -19.39 6.96 19.38
CA PRO B 186 -20.18 6.98 18.13
C PRO B 186 -19.54 6.15 17.01
N LYS B 187 -20.36 5.33 16.34
CA LYS B 187 -19.90 4.41 15.30
C LYS B 187 -19.41 5.10 14.03
N HIS B 188 -19.99 6.26 13.68
CA HIS B 188 -19.66 6.98 12.44
C HIS B 188 -18.19 7.45 12.40
N CYS B 189 -17.55 7.69 13.56
CA CYS B 189 -16.15 8.13 13.58
C CYS B 189 -15.27 7.19 14.43
N GLN B 190 -15.71 5.93 14.62
CA GLN B 190 -15.02 4.91 15.41
CA GLN B 190 -15.00 4.96 15.44
C GLN B 190 -13.63 4.57 14.84
N TYR B 191 -13.51 4.40 13.52
CA TYR B 191 -12.22 4.03 12.94
C TYR B 191 -11.60 5.18 12.14
N THR B 192 -10.30 5.45 12.37
CA THR B 192 -9.57 6.55 11.68
C THR B 192 -8.58 6.00 10.65
N TRP B 193 -8.33 4.68 10.70
CA TRP B 193 -7.44 3.96 9.79
C TRP B 193 -8.21 2.72 9.36
N ASP B 194 -8.79 2.78 8.15
CA ASP B 194 -9.69 1.77 7.60
C ASP B 194 -9.26 1.39 6.18
N THR B 195 -8.63 0.21 6.03
CA THR B 195 -8.06 -0.28 4.76
C THR B 195 -9.11 -0.62 3.68
N LYS B 196 -10.38 -0.88 4.04
CA LYS B 196 -11.39 -1.17 3.02
C LYS B 196 -12.08 0.13 2.53
N ALA B 197 -12.28 1.12 3.42
CA ALA B 197 -12.91 2.40 3.09
C ALA B 197 -11.90 3.37 2.48
N ASN B 198 -10.63 3.26 2.89
CA ASN B 198 -9.54 4.10 2.39
C ASN B 198 -8.61 3.23 1.55
N ASN B 199 -8.40 3.59 0.28
CA ASN B 199 -7.57 2.81 -0.64
C ASN B 199 -6.18 3.43 -0.94
N ASN B 200 -5.73 4.42 -0.13
CA ASN B 200 -4.42 5.06 -0.35
C ASN B 200 -3.23 4.08 -0.24
N LEU B 201 -3.31 3.10 0.68
CA LEU B 201 -2.24 2.11 0.87
C LEU B 201 -2.44 0.84 0.02
N ARG B 202 -3.68 0.60 -0.46
CA ARG B 202 -4.07 -0.57 -1.28
C ARG B 202 -3.83 -1.89 -0.52
N ILE B 203 -4.02 -1.88 0.83
CA ILE B 203 -3.87 -3.05 1.70
C ILE B 203 -5.03 -4.03 1.41
N PRO B 204 -4.72 -5.30 1.05
CA PRO B 204 -5.79 -6.27 0.75
C PRO B 204 -6.59 -6.73 1.96
N ALA B 205 -5.94 -6.85 3.14
CA ALA B 205 -6.59 -7.32 4.36
C ALA B 205 -7.43 -6.22 4.99
N ALA B 206 -8.74 -6.51 5.19
CA ALA B 206 -9.70 -5.59 5.80
C ALA B 206 -9.34 -5.34 7.27
N CYS B 207 -8.87 -4.11 7.57
CA CYS B 207 -8.44 -3.69 8.90
C CYS B 207 -9.09 -2.36 9.24
N LYS B 208 -9.62 -2.26 10.47
CA LYS B 208 -10.29 -1.07 10.99
C LYS B 208 -9.73 -0.77 12.39
N LEU B 209 -8.99 0.34 12.55
CA LEU B 209 -8.38 0.67 13.86
C LEU B 209 -8.58 2.14 14.20
N ARG B 210 -8.55 2.46 15.51
CA ARG B 210 -8.72 3.81 16.02
C ARG B 210 -7.36 4.33 16.50
N PHE B 211 -6.47 4.60 15.55
CA PHE B 211 -5.11 5.08 15.84
C PHE B 211 -5.10 6.54 16.32
N ASP B 212 -5.98 7.36 15.75
CA ASP B 212 -6.05 8.78 16.04
C ASP B 212 -6.99 9.00 17.21
N ARG B 213 -6.45 9.57 18.31
CA ARG B 213 -7.22 9.74 19.55
C ARG B 213 -7.05 11.13 20.14
N ILE B 214 -8.07 11.54 20.91
CA ILE B 214 -8.12 12.83 21.60
C ILE B 214 -8.33 12.59 23.09
N PHE B 215 -7.38 13.09 23.91
CA PHE B 215 -7.47 13.02 25.37
C PHE B 215 -7.56 14.42 25.92
N PHE B 216 -8.39 14.61 26.96
CA PHE B 216 -8.50 15.92 27.59
C PHE B 216 -8.48 15.81 29.10
N ARG B 217 -7.95 16.84 29.76
CA ARG B 217 -7.90 16.99 31.21
C ARG B 217 -8.46 18.37 31.58
N ALA B 218 -9.53 18.39 32.38
CA ALA B 218 -10.15 19.62 32.86
C ALA B 218 -10.53 19.49 34.33
N GLY B 221 -13.38 20.75 36.77
CA GLY B 221 -13.38 21.04 35.35
C GLY B 221 -13.97 22.40 35.01
N HIS B 222 -14.93 22.46 34.06
CA HIS B 222 -15.47 21.31 33.35
C HIS B 222 -15.49 21.51 31.83
N LEU B 223 -15.17 20.42 31.11
CA LEU B 223 -15.14 20.35 29.66
C LEU B 223 -16.30 19.48 29.20
N ILE B 224 -17.05 19.96 28.20
CA ILE B 224 -18.18 19.22 27.66
C ILE B 224 -17.97 19.05 26.14
N PRO B 225 -17.48 17.86 25.70
CA PRO B 225 -17.32 17.61 24.26
C PRO B 225 -18.67 17.74 23.56
N GLN B 226 -18.70 18.51 22.48
CA GLN B 226 -19.93 18.76 21.72
C GLN B 226 -20.10 17.75 20.59
N SER B 227 -19.04 17.50 19.82
CA SER B 227 -19.12 16.59 18.67
C SER B 227 -17.77 16.07 18.25
N LEU B 228 -17.80 14.99 17.47
CA LEU B 228 -16.64 14.37 16.88
C LEU B 228 -17.05 13.83 15.52
N ASP B 229 -16.27 14.17 14.49
CA ASP B 229 -16.55 13.76 13.11
C ASP B 229 -15.29 13.44 12.34
N LEU B 230 -15.41 12.57 11.33
CA LEU B 230 -14.30 12.26 10.44
C LEU B 230 -14.20 13.33 9.37
N VAL B 231 -12.98 13.64 8.93
CA VAL B 231 -12.73 14.56 7.83
C VAL B 231 -11.75 13.89 6.87
N GLY B 232 -11.73 14.35 5.62
CA GLY B 232 -10.89 13.81 4.57
C GLY B 232 -11.44 12.57 3.91
N LEU B 233 -12.78 12.41 3.92
CA LEU B 233 -13.48 11.25 3.32
C LEU B 233 -13.81 11.47 1.84
N GLU B 234 -13.61 12.69 1.31
CA GLU B 234 -13.91 12.98 -0.10
C GLU B 234 -12.73 12.64 -0.99
N LYS B 235 -12.99 11.79 -2.00
CA LYS B 235 -11.99 11.38 -2.99
C LYS B 235 -11.58 12.58 -3.82
N LEU B 236 -10.27 12.74 -4.05
CA LEU B 236 -9.76 13.85 -4.86
C LEU B 236 -9.79 13.45 -6.35
N ASP B 237 -9.47 14.38 -7.26
CA ASP B 237 -9.47 14.15 -8.72
C ASP B 237 -8.57 12.96 -9.14
N CYS B 238 -7.47 12.69 -8.40
CA CYS B 238 -6.53 11.59 -8.68
C CYS B 238 -7.13 10.21 -8.31
N GLY B 239 -8.29 10.21 -7.64
CA GLY B 239 -8.97 8.99 -7.22
C GLY B 239 -8.48 8.47 -5.89
N ARG B 240 -7.69 9.28 -5.18
CA ARG B 240 -7.13 8.95 -3.87
C ARG B 240 -7.60 9.98 -2.85
N PHE B 241 -7.45 9.63 -1.57
CA PHE B 241 -7.85 10.49 -0.45
C PHE B 241 -6.67 11.39 -0.02
N PRO B 242 -6.91 12.48 0.76
CA PRO B 242 -5.78 13.31 1.20
C PRO B 242 -4.72 12.53 1.98
N SER B 243 -5.12 11.43 2.65
CA SER B 243 -4.22 10.59 3.45
C SER B 243 -4.79 9.19 3.63
N ASP B 244 -3.95 8.24 4.11
CA ASP B 244 -4.36 6.87 4.44
C ASP B 244 -5.16 6.89 5.76
N HIS B 245 -5.08 8.01 6.49
CA HIS B 245 -5.84 8.24 7.72
C HIS B 245 -6.98 9.19 7.47
N TRP B 246 -8.09 9.01 8.20
CA TRP B 246 -9.15 9.99 8.27
C TRP B 246 -8.74 10.95 9.36
N GLY B 247 -9.06 12.22 9.18
CA GLY B 247 -8.79 13.20 10.23
C GLY B 247 -9.97 13.22 11.18
N LEU B 248 -9.79 13.82 12.36
CA LEU B 248 -10.86 13.98 13.35
C LEU B 248 -11.12 15.45 13.59
N LEU B 249 -12.39 15.85 13.50
CA LEU B 249 -12.86 17.20 13.77
C LEU B 249 -13.65 17.17 15.06
N CYS B 250 -13.19 17.92 16.06
CA CYS B 250 -13.77 17.92 17.39
C CYS B 250 -14.09 19.33 17.86
N THR B 251 -15.28 19.48 18.47
CA THR B 251 -15.73 20.73 19.07
C THR B 251 -15.93 20.45 20.56
N LEU B 252 -15.35 21.30 21.40
CA LEU B 252 -15.46 21.20 22.86
C LEU B 252 -15.95 22.51 23.44
N ASN B 253 -16.76 22.44 24.50
CA ASN B 253 -17.23 23.60 25.22
C ASN B 253 -16.62 23.57 26.61
N VAL B 254 -15.90 24.63 26.97
CA VAL B 254 -15.23 24.71 28.27
C VAL B 254 -15.88 25.83 29.08
N VAL B 255 -16.35 25.51 30.29
CA VAL B 255 -16.97 26.47 31.21
C VAL B 255 -15.86 27.38 31.73
N LEU B 256 -16.07 28.72 31.62
CA LEU B 256 -15.09 29.73 32.03
C LEU B 256 -15.02 29.85 33.56
N1 6FQ C . 0.10 -15.59 4.14
N3 6FQ C . -0.87 -11.75 3.06
C4 6FQ C . 0.37 -13.26 4.53
C5 6FQ C . 0.82 -12.20 5.24
C6 6FQ C . -0.39 -10.62 3.79
C7 6FQ C . 0.45 -10.85 4.90
C8 6FQ C . 0.85 -9.73 5.65
C10 6FQ C . -0.41 -8.25 4.23
C13 6FQ C . -1.80 -11.54 1.98
C15 6FQ C . -2.25 -10.95 -0.32
C17 6FQ C . -4.08 -11.18 1.24
C1 6FQ C . 0.71 -14.62 4.90
C2 6FQ C . -0.78 -15.36 3.09
N2 6FQ C . -1.07 -14.07 2.73
C3 6FQ C . -0.50 -13.09 3.43
C9 6FQ C . -0.81 -9.34 3.46
C11 6FQ C . 0.43 -8.45 5.33
C12 6FQ C . -0.90 -6.94 3.91
N4 6FQ C . -1.30 -5.91 3.63
O1 6FQ C . -1.33 -16.34 2.56
O2 6FQ C . 1.50 -14.95 5.79
C14 6FQ C . -1.34 -11.26 0.69
C16 6FQ C . -3.61 -10.92 -0.04
C18 6FQ C . -3.17 -11.52 2.25
C19 6FQ C . -5.50 -11.02 1.58
N5 6FQ C . -6.04 -11.09 2.79
N6 6FQ C . -6.49 -10.71 0.73
N7 6FQ C . -7.65 -10.60 1.41
N8 6FQ C . -7.36 -10.83 2.65
MG MG D . -1.49 -4.64 -8.13
C1 GOL E . -1.97 -7.91 -2.66
O1 GOL E . -3.21 -7.31 -2.37
C2 GOL E . -1.69 -7.77 -4.14
O2 GOL E . -1.62 -6.38 -4.48
C3 GOL E . -0.41 -8.45 -4.54
O3 GOL E . -0.14 -8.23 -5.91
C1 GOL F . -8.51 -33.00 -15.21
O1 GOL F . -8.88 -34.23 -14.61
C2 GOL F . -7.01 -32.84 -15.27
O2 GOL F . -6.44 -33.98 -15.94
C3 GOL F . -6.39 -32.67 -13.90
O3 GOL F . -5.00 -32.40 -14.01
C1 EDO G . 3.84 -12.76 -34.91
O1 EDO G . 4.42 -13.53 -33.87
C2 EDO G . 4.44 -13.18 -36.25
O2 EDO G . 3.85 -14.40 -36.66
C1 EDO H . 13.71 -12.44 -1.83
O1 EDO H . 13.01 -11.23 -2.13
C2 EDO H . 13.33 -13.51 -2.89
O2 EDO H . 13.73 -14.81 -2.50
C1 EDO I . -8.92 -9.55 -16.77
O1 EDO I . -9.11 -9.46 -15.35
C2 EDO I . -10.05 -8.85 -17.54
O2 EDO I . -9.63 -8.47 -18.83
C1 EDO J . 18.11 -15.99 -28.64
O1 EDO J . 16.76 -16.03 -28.24
C2 EDO J . 18.40 -14.62 -29.29
O2 EDO J . 18.48 -13.62 -28.28
C1 EDO K . -1.93 -10.36 -7.38
O1 EDO K . -0.98 -11.11 -6.63
C2 EDO K . -3.16 -10.02 -6.53
O2 EDO K . -4.05 -9.23 -7.30
C1 EDO L . 16.08 -19.08 -29.35
O1 EDO L . 15.41 -18.87 -28.12
C2 EDO L . 15.25 -20.01 -30.26
O2 EDO L . 16.01 -20.31 -31.41
C1 EDO M . 19.96 -17.81 -31.48
O1 EDO M . 20.63 -16.66 -31.01
C2 EDO M . 20.91 -18.65 -32.36
O2 EDO M . 22.00 -19.11 -31.59
C1 EDO N . -10.15 -26.65 -1.01
O1 EDO N . -10.65 -26.66 -2.34
C2 EDO N . -10.95 -25.64 -0.16
O2 EDO N . -10.36 -25.56 1.13
C1 EDO O . -5.16 -20.29 2.39
O1 EDO O . -5.60 -21.34 1.56
C2 EDO O . -5.88 -18.98 2.01
O2 EDO O . -7.26 -19.08 2.34
C1 EDO P . 19.95 -19.12 -12.19
O1 EDO P . 19.31 -20.35 -11.88
C2 EDO P . 20.83 -18.70 -11.01
O2 EDO P . 21.53 -17.52 -11.34
C1 EDO Q . 6.38 -35.85 -19.17
O1 EDO Q . 6.73 -36.99 -18.39
C2 EDO Q . 6.79 -34.57 -18.41
O2 EDO Q . 6.28 -33.43 -19.08
C ACT R . 22.70 -9.09 -20.83
O ACT R . 21.64 -9.77 -20.75
OXT ACT R . 23.84 -9.45 -20.48
CH3 ACT R . 22.58 -7.69 -21.42
N1 6FQ S . -4.68 -5.45 14.52
N3 6FQ S . -2.54 -4.14 11.28
C4 6FQ S . -4.44 -5.41 12.14
C5 6FQ S . -4.72 -5.83 10.88
C6 6FQ S . -2.82 -4.57 9.95
C7 6FQ S . -3.90 -5.44 9.75
C8 6FQ S . -4.13 -5.92 8.45
C10 6FQ S . -2.23 -4.68 7.62
C13 6FQ S . -1.35 -3.35 11.51
C15 6FQ S . -0.22 -1.23 11.53
C17 6FQ S . 1.04 -3.27 11.78
C1 6FQ S . -5.20 -5.84 13.30
C2 6FQ S . -3.54 -4.69 14.70
N2 6FQ S . -2.87 -4.20 13.59
C3 6FQ S . -3.32 -4.57 12.40
C9 6FQ S . -2.00 -4.17 8.90
C11 6FQ S . -3.30 -5.55 7.40
C12 6FQ S . -1.33 -4.33 6.56
N4 6FQ S . -0.60 -4.03 5.73
O1 6FQ S . -3.10 -4.52 15.84
O2 6FQ S . -6.26 -6.47 13.25
C14 6FQ S . -1.40 -1.96 11.43
C16 6FQ S . 1.00 -1.89 11.70
C18 6FQ S . -0.13 -4.00 11.69
C19 6FQ S . 2.33 -4.01 11.82
N5 6FQ S . 2.49 -5.31 11.66
N6 6FQ S . 3.54 -3.45 11.94
N7 6FQ S . 4.48 -4.42 11.86
N8 6FQ S . 3.83 -5.53 11.69
MG MG T . 2.41 7.52 6.45
C1 GOL U . 10.75 5.00 31.21
O1 GOL U . 10.02 5.33 32.38
C2 GOL U . 11.66 6.14 30.82
O2 GOL U . 12.61 6.35 31.87
C3 GOL U . 12.37 5.82 29.53
O3 GOL U . 13.09 6.94 29.05
C1 GOL V . 10.10 5.89 26.44
O1 GOL V . 11.03 4.81 26.51
C2 GOL V . 10.78 7.20 26.10
O2 GOL V . 11.20 7.19 24.73
C3 GOL V . 9.82 8.34 26.32
O3 GOL V . 9.59 8.54 27.70
C1 EDO W . -15.41 5.00 10.37
O1 EDO W . -15.91 4.46 11.59
C2 EDO W . -14.84 3.87 9.49
O2 EDO W . -14.05 4.41 8.44
C1 EDO X . -14.57 16.32 5.05
O1 EDO X . -13.34 16.95 4.74
C2 EDO X . -14.77 15.14 4.06
O2 EDO X . -15.29 14.04 4.77
C1 EDO Y . 9.31 16.39 31.04
O1 EDO Y . 10.60 16.66 31.58
C2 EDO Y . 8.25 17.35 31.64
O2 EDO Y . 8.43 18.66 31.11
C1 EDO Z . -11.15 1.23 19.44
O1 EDO Z . -11.22 1.94 20.66
C2 EDO Z . -12.40 1.56 18.61
O2 EDO Z . -12.24 1.06 17.30
C ACT AA . -2.41 35.42 16.73
O ACT AA . -1.74 34.46 17.17
OXT ACT AA . -3.52 35.80 17.19
CH3 ACT AA . -1.83 36.21 15.53
C ACT BA . 8.53 25.67 13.68
O ACT BA . 9.45 25.74 12.85
OXT ACT BA . 7.34 25.66 13.41
CH3 ACT BA . 8.92 25.57 15.16
C ACT CA . -5.71 38.40 12.24
O ACT CA . -5.69 37.98 11.05
OXT ACT CA . -6.74 38.76 12.86
CH3 ACT CA . -4.36 38.48 12.97
C ACT DA . 0.20 4.15 9.21
O ACT DA . -0.29 3.43 10.12
OXT ACT DA . 0.02 5.40 9.07
CH3 ACT DA . 1.09 3.44 8.17
C ACT EA . 4.03 19.89 -1.91
O ACT EA . 5.08 19.25 -2.17
OXT ACT EA . 3.56 20.82 -2.61
CH3 ACT EA . 3.27 19.51 -0.63
#